data_1IQN
#
_entry.id   1IQN
#
_cell.length_a   72.170
_cell.length_b   78.270
_cell.length_c   56.620
_cell.angle_alpha   90.00
_cell.angle_beta   90.00
_cell.angle_gamma   90.00
#
_symmetry.space_group_name_H-M   'P 21 21 21'
#
loop_
_entity.id
_entity.type
_entity.pdbx_description
1 polymer 'coagulation Factor Xa'
2 polymer 'coagulation Factor Xa'
3 non-polymer 'CALCIUM ION'
4 non-polymer 4-[[4-[(6-CHLORO-2-NAPHTHALENYL)SULFONYL]-6-OXO-1-[[1-(4-PYRIDINYL)-4-PIPERIDINYL]METHYL]-2-PIPERAZINYL]CARBONYL]MORPHOLINE
5 water water
#
loop_
_entity_poly.entity_id
_entity_poly.type
_entity_poly.pdbx_seq_one_letter_code
_entity_poly.pdbx_strand_id
1 'polypeptide(L)'
;IVGGQECKDGECPWQALLINEENEGFCGGTILSEFYILTAAHCLYQAKRFKVRVGDRNTEQEEGGEAVHEVEVVIKHNRF
TKETYDFDIAVLRLKTPITFRMNVAPACLPERDWAESTLMTQKTGIVSGFGRTHEKGRQSTRLKMLEVPYVDRNSCKLSS
SFIITQNMFCAGYDTKQEDACQGDSGGPHVTRFKDTYFVTGIVSWGEGCARKGKYGIYTKVTAFLKWIDRSMKTR
;
A
2 'polypeptide(L)'
;YKDGDQCETSPCQNQGKCKDGLGEYTCTCLEGFEGKNCELFTRKLCSLDNGDCDQFCHEEQNSVVCSCARGYTLADNGKA
CIPTGPYPCGKQTLER
;
L
#
# COMPACT_ATOMS: atom_id res chain seq x y z
N ILE A 1 -10.19 5.57 -8.00
CA ILE A 1 -10.25 6.61 -6.94
C ILE A 1 -11.34 7.62 -7.25
N VAL A 2 -12.36 7.69 -6.40
CA VAL A 2 -13.43 8.64 -6.62
C VAL A 2 -13.08 9.91 -5.84
N GLY A 3 -12.89 11.01 -6.54
CA GLY A 3 -12.52 12.25 -5.88
C GLY A 3 -11.02 12.26 -5.62
N GLY A 4 -10.61 12.98 -4.59
CA GLY A 4 -9.19 13.03 -4.27
C GLY A 4 -8.40 13.77 -5.34
N GLN A 5 -7.11 13.95 -5.09
CA GLN A 5 -6.26 14.65 -6.03
C GLN A 5 -5.46 13.72 -6.95
N GLU A 6 -4.78 14.30 -7.91
CA GLU A 6 -3.97 13.58 -8.88
C GLU A 6 -2.56 13.32 -8.33
N CYS A 7 -1.94 12.20 -8.69
CA CYS A 7 -0.58 11.97 -8.19
C CYS A 7 0.35 12.80 -9.06
N LYS A 8 1.00 13.79 -8.44
CA LYS A 8 1.92 14.66 -9.16
C LYS A 8 3.28 13.99 -9.22
N ASP A 9 4.08 14.40 -10.20
CA ASP A 9 5.40 13.85 -10.40
C ASP A 9 6.15 13.53 -9.10
N GLY A 10 6.54 12.26 -8.96
CA GLY A 10 7.28 11.83 -7.79
C GLY A 10 6.50 11.56 -6.51
N GLU A 11 5.22 11.92 -6.48
CA GLU A 11 4.39 11.73 -5.29
C GLU A 11 4.01 10.30 -4.91
N CYS A 12 3.71 9.47 -5.89
CA CYS A 12 3.29 8.10 -5.63
C CYS A 12 4.22 7.14 -6.37
N PRO A 13 5.52 7.20 -6.03
CA PRO A 13 6.58 6.38 -6.64
C PRO A 13 6.53 4.88 -6.41
N TRP A 14 5.72 4.45 -5.45
CA TRP A 14 5.60 3.03 -5.14
C TRP A 14 4.42 2.33 -5.82
N GLN A 15 3.60 3.09 -6.55
CA GLN A 15 2.45 2.51 -7.24
C GLN A 15 2.89 1.53 -8.33
N ALA A 16 2.17 0.41 -8.42
CA ALA A 16 2.45 -0.61 -9.41
C ALA A 16 1.13 -0.99 -10.07
N LEU A 17 1.17 -1.28 -11.36
CA LEU A 17 -0.05 -1.61 -12.10
C LEU A 17 0.04 -2.97 -12.79
N LEU A 18 -0.94 -3.84 -12.54
CA LEU A 18 -0.97 -5.15 -13.17
C LEU A 18 -1.73 -4.99 -14.47
N ILE A 19 -1.16 -5.48 -15.56
CA ILE A 19 -1.78 -5.36 -16.87
C ILE A 19 -1.98 -6.71 -17.54
N ASN A 20 -3.10 -6.86 -18.23
CA ASN A 20 -3.43 -8.11 -18.93
C ASN A 20 -2.72 -8.08 -20.29
N GLU A 21 -2.98 -9.09 -21.12
CA GLU A 21 -2.33 -9.11 -22.43
C GLU A 21 -2.71 -7.90 -23.28
N GLU A 22 -3.90 -7.36 -23.07
CA GLU A 22 -4.33 -6.20 -23.82
C GLU A 22 -3.71 -4.93 -23.24
N ASN A 23 -2.75 -5.12 -22.33
CA ASN A 23 -2.05 -4.00 -21.70
C ASN A 23 -3.02 -3.13 -20.93
N GLU A 24 -4.14 -3.73 -20.52
CA GLU A 24 -5.17 -3.02 -19.76
C GLU A 24 -4.84 -3.12 -18.26
N GLY A 25 -4.80 -1.98 -17.59
CA GLY A 25 -4.55 -2.00 -16.16
C GLY A 25 -5.81 -2.50 -15.48
N PHE A 26 -5.71 -3.60 -14.74
CA PHE A 26 -6.86 -4.18 -14.07
C PHE A 26 -6.75 -4.19 -12.54
N CYS A 27 -5.53 -4.03 -12.01
CA CYS A 27 -5.31 -4.01 -10.58
C CYS A 27 -4.06 -3.22 -10.20
N GLY A 28 -3.92 -2.97 -8.90
CA GLY A 28 -2.78 -2.23 -8.40
C GLY A 28 -1.78 -3.07 -7.65
N GLY A 29 -0.71 -2.43 -7.19
CA GLY A 29 0.32 -3.10 -6.45
C GLY A 29 1.18 -2.10 -5.72
N THR A 30 2.01 -2.56 -4.79
CA THR A 30 2.90 -1.66 -4.08
C THR A 30 4.30 -2.21 -4.25
N ILE A 31 5.24 -1.35 -4.65
CA ILE A 31 6.61 -1.81 -4.82
C ILE A 31 7.20 -1.98 -3.45
N LEU A 32 7.72 -3.17 -3.15
CA LEU A 32 8.32 -3.43 -1.85
C LEU A 32 9.84 -3.43 -1.96
N SER A 33 10.34 -3.72 -3.15
CA SER A 33 11.77 -3.74 -3.40
C SER A 33 12.02 -3.88 -4.91
N GLU A 34 13.27 -3.95 -5.31
CA GLU A 34 13.58 -4.05 -6.73
C GLU A 34 13.02 -5.36 -7.29
N PHE A 35 12.74 -6.31 -6.42
CA PHE A 35 12.21 -7.61 -6.85
C PHE A 35 10.78 -7.98 -6.48
N TYR A 36 10.20 -7.29 -5.51
CA TYR A 36 8.87 -7.65 -5.07
C TYR A 36 7.73 -6.65 -5.12
N ILE A 37 6.57 -7.16 -5.49
CA ILE A 37 5.35 -6.36 -5.54
C ILE A 37 4.33 -6.97 -4.60
N LEU A 38 3.60 -6.10 -3.90
CA LEU A 38 2.55 -6.52 -2.96
C LEU A 38 1.20 -6.25 -3.61
N THR A 39 0.33 -7.24 -3.63
CA THR A 39 -0.97 -7.06 -4.25
C THR A 39 -2.03 -7.83 -3.48
N ALA A 40 -3.26 -7.82 -3.99
CA ALA A 40 -4.35 -8.55 -3.34
C ALA A 40 -4.51 -9.89 -4.04
N ALA A 41 -4.80 -10.93 -3.27
CA ALA A 41 -4.98 -12.26 -3.84
C ALA A 41 -6.10 -12.32 -4.87
N HIS A 42 -7.26 -11.76 -4.53
CA HIS A 42 -8.39 -11.78 -5.47
C HIS A 42 -8.09 -11.08 -6.81
N CYS A 43 -6.95 -10.39 -6.93
CA CYS A 43 -6.60 -9.72 -8.18
C CYS A 43 -6.06 -10.73 -9.19
N LEU A 44 -5.66 -11.90 -8.69
CA LEU A 44 -5.12 -12.95 -9.54
C LEU A 44 -6.25 -13.81 -10.09
N TYR A 45 -7.45 -13.22 -10.12
CA TYR A 45 -8.63 -13.90 -10.63
C TYR A 45 -9.27 -13.04 -11.72
N GLN A 46 -8.93 -11.75 -11.72
CA GLN A 46 -9.47 -10.79 -12.67
C GLN A 46 -8.68 -10.75 -13.98
N ALA A 47 -7.88 -11.78 -14.22
CA ALA A 47 -7.07 -11.89 -15.43
C ALA A 47 -6.47 -13.28 -15.56
N LYS A 48 -5.84 -13.54 -16.70
CA LYS A 48 -5.21 -14.84 -16.97
C LYS A 48 -3.69 -14.69 -16.88
N ARG A 49 -3.11 -14.07 -17.91
CA ARG A 49 -1.68 -13.84 -17.97
C ARG A 49 -1.53 -12.33 -17.78
N PHE A 50 -0.62 -11.90 -16.90
CA PHE A 50 -0.44 -10.48 -16.66
C PHE A 50 0.98 -10.09 -16.26
N LYS A 51 1.31 -8.83 -16.50
CA LYS A 51 2.62 -8.30 -16.16
C LYS A 51 2.43 -7.04 -15.30
N VAL A 52 3.42 -6.74 -14.47
CA VAL A 52 3.35 -5.57 -13.61
C VAL A 52 4.13 -4.40 -14.21
N ARG A 53 3.48 -3.23 -14.23
CA ARG A 53 4.06 -2.00 -14.77
C ARG A 53 4.31 -0.96 -13.69
N VAL A 54 5.45 -0.27 -13.77
CA VAL A 54 5.79 0.77 -12.81
C VAL A 54 6.24 2.06 -13.52
N GLY A 55 6.27 3.15 -12.76
CA GLY A 55 6.70 4.42 -13.31
C GLY A 55 5.66 5.06 -14.21
N ASP A 56 4.42 4.60 -14.11
CA ASP A 56 3.35 5.16 -14.94
C ASP A 56 2.43 6.11 -14.16
N ARG A 57 2.08 7.23 -14.78
CA ARG A 57 1.17 8.21 -14.15
C ARG A 57 0.06 8.64 -15.11
N ASN A 58 0.15 8.20 -16.36
CA ASN A 58 -0.81 8.55 -17.40
C ASN A 58 -0.87 7.42 -18.42
N THR A 59 -1.85 6.53 -18.31
CA THR A 59 -1.96 5.39 -19.23
C THR A 59 -2.44 5.74 -20.64
N GLU A 60 -1.64 6.49 -21.38
CA GLU A 60 -1.98 6.87 -22.75
C GLU A 60 -0.92 7.81 -23.35
N GLN A 61 0.10 8.14 -22.55
CA GLN A 61 1.17 9.03 -22.99
C GLN A 61 2.54 8.54 -22.49
N GLU A 62 3.37 8.01 -23.39
CA GLU A 62 4.69 7.51 -23.04
C GLU A 62 5.57 8.57 -22.37
N GLU A 63 5.53 8.60 -21.05
CA GLU A 63 6.30 9.55 -20.25
C GLU A 63 7.80 9.24 -20.30
N GLY A 64 8.15 8.11 -20.89
CA GLY A 64 9.55 7.72 -20.99
C GLY A 64 10.09 6.98 -19.78
N GLY A 65 9.65 7.37 -18.59
CA GLY A 65 10.13 6.74 -17.37
C GLY A 65 9.43 5.46 -16.94
N GLU A 66 8.53 4.96 -17.79
CA GLU A 66 7.81 3.73 -17.47
C GLU A 66 8.71 2.52 -17.67
N ALA A 67 8.21 1.34 -17.28
CA ALA A 67 8.95 0.10 -17.40
C ALA A 67 8.01 -1.07 -17.12
N VAL A 68 8.12 -2.13 -17.91
CA VAL A 68 7.29 -3.32 -17.76
C VAL A 68 8.10 -4.48 -17.21
N HIS A 69 7.48 -5.25 -16.32
CA HIS A 69 8.14 -6.40 -15.71
C HIS A 69 7.31 -7.66 -15.77
N GLU A 70 7.96 -8.79 -16.04
CA GLU A 70 7.24 -10.05 -16.10
C GLU A 70 7.27 -10.68 -14.72
N VAL A 71 6.32 -11.58 -14.47
CA VAL A 71 6.26 -12.25 -13.19
C VAL A 71 6.95 -13.59 -13.24
N GLU A 72 7.88 -13.80 -12.31
CA GLU A 72 8.58 -15.08 -12.25
C GLU A 72 7.73 -16.02 -11.42
N VAL A 73 7.38 -15.57 -10.22
CA VAL A 73 6.55 -16.38 -9.33
C VAL A 73 5.56 -15.56 -8.53
N VAL A 74 4.31 -16.01 -8.53
CA VAL A 74 3.27 -15.32 -7.77
C VAL A 74 2.96 -16.14 -6.52
N ILE A 75 3.06 -15.50 -5.35
CA ILE A 75 2.79 -16.15 -4.06
C ILE A 75 1.43 -15.75 -3.49
N LYS A 76 0.42 -16.59 -3.71
CA LYS A 76 -0.92 -16.32 -3.19
C LYS A 76 -1.03 -16.92 -1.79
N HIS A 77 -1.84 -16.30 -0.94
CA HIS A 77 -2.04 -16.81 0.41
C HIS A 77 -3.06 -17.94 0.31
N ASN A 78 -2.70 -19.13 0.77
CA ASN A 78 -3.60 -20.29 0.71
C ASN A 78 -4.96 -20.00 1.34
N ARG A 79 -4.92 -19.50 2.58
CA ARG A 79 -6.12 -19.21 3.35
C ARG A 79 -7.09 -18.26 2.67
N PHE A 80 -6.72 -17.69 1.51
CA PHE A 80 -7.62 -16.78 0.82
C PHE A 80 -8.82 -17.47 0.17
N THR A 81 -10.01 -16.91 0.39
CA THR A 81 -11.25 -17.44 -0.18
C THR A 81 -12.14 -16.28 -0.60
N LYS A 82 -12.76 -16.40 -1.77
CA LYS A 82 -13.62 -15.35 -2.29
C LYS A 82 -14.97 -15.17 -1.58
N GLU A 83 -15.39 -16.19 -0.82
CA GLU A 83 -16.67 -16.10 -0.13
C GLU A 83 -16.60 -15.26 1.14
N THR A 84 -15.38 -14.91 1.55
CA THR A 84 -15.19 -14.10 2.75
C THR A 84 -14.22 -12.96 2.45
N TYR A 85 -13.41 -13.14 1.41
CA TYR A 85 -12.43 -12.14 1.03
C TYR A 85 -11.38 -11.99 2.11
N ASP A 86 -11.19 -13.05 2.88
CA ASP A 86 -10.21 -13.05 3.96
C ASP A 86 -8.85 -13.50 3.43
N PHE A 87 -7.81 -12.83 3.89
CA PHE A 87 -6.44 -13.12 3.47
C PHE A 87 -6.25 -12.63 2.03
N ASP A 88 -6.81 -11.46 1.74
CA ASP A 88 -6.69 -10.89 0.42
C ASP A 88 -5.29 -10.28 0.29
N ILE A 89 -4.28 -11.14 0.13
CA ILE A 89 -2.90 -10.70 0.00
C ILE A 89 -2.06 -11.66 -0.84
N ALA A 90 -1.18 -11.10 -1.66
CA ALA A 90 -0.32 -11.91 -2.51
C ALA A 90 0.97 -11.15 -2.78
N VAL A 91 2.06 -11.90 -2.98
CA VAL A 91 3.34 -11.29 -3.28
C VAL A 91 3.81 -11.72 -4.65
N LEU A 92 4.42 -10.80 -5.38
CA LEU A 92 4.90 -11.10 -6.72
C LEU A 92 6.41 -10.95 -6.80
N ARG A 93 7.06 -12.00 -7.28
CA ARG A 93 8.51 -11.98 -7.45
C ARG A 93 8.76 -11.61 -8.91
N LEU A 94 9.39 -10.46 -9.13
CA LEU A 94 9.67 -10.02 -10.49
C LEU A 94 10.83 -10.79 -11.14
N LYS A 95 10.71 -11.07 -12.43
CA LYS A 95 11.75 -11.79 -13.18
C LYS A 95 13.02 -10.93 -13.20
N THR A 96 12.88 -9.65 -13.51
CA THR A 96 14.02 -8.75 -13.55
C THR A 96 13.83 -7.63 -12.51
N PRO A 97 14.92 -7.12 -11.95
CA PRO A 97 14.95 -6.05 -10.93
C PRO A 97 14.35 -4.72 -11.38
N ILE A 98 13.61 -4.07 -10.48
CA ILE A 98 13.03 -2.77 -10.77
C ILE A 98 14.09 -1.72 -10.54
N THR A 99 14.45 -0.97 -11.57
CA THR A 99 15.46 0.05 -11.39
C THR A 99 14.77 1.29 -10.82
N PHE A 100 15.21 1.73 -9.66
CA PHE A 100 14.60 2.89 -9.03
C PHE A 100 15.08 4.21 -9.65
N ARG A 101 14.12 5.01 -10.07
CA ARG A 101 14.40 6.32 -10.62
C ARG A 101 13.20 7.16 -10.23
N MET A 102 13.11 8.37 -10.77
CA MET A 102 11.98 9.25 -10.49
C MET A 102 10.69 8.49 -10.73
N ASN A 103 9.72 8.60 -9.82
CA ASN A 103 8.43 7.93 -9.94
C ASN A 103 8.49 6.42 -9.74
N VAL A 104 9.69 5.91 -9.50
CA VAL A 104 9.84 4.48 -9.29
C VAL A 104 10.72 4.27 -8.07
N ALA A 105 10.09 4.02 -6.93
CA ALA A 105 10.78 3.79 -5.65
C ALA A 105 9.88 2.96 -4.74
N PRO A 106 10.46 2.18 -3.82
CA PRO A 106 9.66 1.34 -2.92
C PRO A 106 9.06 2.02 -1.68
N ALA A 107 8.00 1.40 -1.15
CA ALA A 107 7.35 1.88 0.06
C ALA A 107 7.94 1.03 1.19
N CYS A 108 8.15 1.61 2.36
CA CYS A 108 8.74 0.85 3.46
C CYS A 108 7.79 -0.14 4.11
N LEU A 109 8.35 -1.22 4.63
CA LEU A 109 7.57 -2.21 5.37
C LEU A 109 7.82 -1.83 6.83
N PRO A 110 6.75 -1.54 7.59
CA PRO A 110 6.93 -1.17 9.00
C PRO A 110 6.98 -2.42 9.89
N GLU A 111 7.12 -2.22 11.20
CA GLU A 111 7.14 -3.36 12.10
C GLU A 111 5.73 -3.45 12.67
N ARG A 112 5.27 -4.66 12.94
CA ARG A 112 3.91 -4.87 13.45
C ARG A 112 3.48 -3.95 14.60
N ASP A 113 4.17 -4.03 15.74
CA ASP A 113 3.83 -3.22 16.91
C ASP A 113 3.89 -1.72 16.72
N TRP A 114 5.02 -1.21 16.24
CA TRP A 114 5.15 0.23 16.01
C TRP A 114 4.04 0.69 15.07
N ALA A 115 3.83 -0.08 14.00
CA ALA A 115 2.82 0.22 13.01
C ALA A 115 1.41 0.33 13.60
N GLU A 116 0.96 -0.72 14.28
CA GLU A 116 -0.37 -0.72 14.89
C GLU A 116 -0.50 0.39 15.92
N SER A 117 0.58 0.67 16.62
CA SER A 117 0.60 1.69 17.65
C SER A 117 0.72 3.14 17.13
N THR A 118 1.57 3.34 16.13
CA THR A 118 1.80 4.68 15.59
C THR A 118 1.26 4.96 14.19
N LEU A 119 1.43 4.03 13.26
CA LEU A 119 0.97 4.25 11.90
C LEU A 119 -0.55 4.31 11.76
N MET A 120 -1.25 3.31 12.28
CA MET A 120 -2.70 3.27 12.15
C MET A 120 -3.46 4.08 13.19
N THR A 121 -2.76 4.61 14.18
CA THR A 121 -3.41 5.44 15.21
C THR A 121 -3.37 6.88 14.72
N GLN A 122 -2.72 7.04 13.56
CA GLN A 122 -2.57 8.32 12.87
C GLN A 122 -3.98 8.74 12.49
N LYS A 123 -4.15 9.94 11.95
CA LYS A 123 -5.46 10.42 11.54
C LYS A 123 -5.88 9.86 10.19
N THR A 124 -4.97 9.86 9.24
CA THR A 124 -5.29 9.38 7.90
C THR A 124 -4.19 8.54 7.23
N GLY A 125 -4.52 8.01 6.06
CA GLY A 125 -3.60 7.23 5.27
C GLY A 125 -3.83 7.65 3.82
N ILE A 126 -3.06 7.12 2.89
CA ILE A 126 -3.25 7.48 1.49
C ILE A 126 -3.44 6.22 0.65
N VAL A 127 -4.45 6.25 -0.21
CA VAL A 127 -4.74 5.14 -1.10
C VAL A 127 -4.61 5.72 -2.52
N SER A 128 -4.28 4.89 -3.50
CA SER A 128 -4.13 5.40 -4.86
C SER A 128 -4.31 4.34 -5.93
N GLY A 129 -4.42 4.79 -7.18
CA GLY A 129 -4.59 3.86 -8.29
C GLY A 129 -5.15 4.46 -9.55
N PHE A 130 -5.30 3.59 -10.56
CA PHE A 130 -5.83 3.96 -11.87
C PHE A 130 -7.29 3.51 -11.98
N GLY A 131 -7.88 3.12 -10.85
CA GLY A 131 -9.26 2.65 -10.83
C GLY A 131 -10.29 3.68 -11.29
N ARG A 132 -11.56 3.27 -11.32
CA ARG A 132 -12.63 4.15 -11.75
C ARG A 132 -12.82 5.36 -10.86
N THR A 133 -13.22 6.48 -11.45
CA THR A 133 -13.43 7.71 -10.69
C THR A 133 -14.86 7.84 -10.20
N HIS A 134 -15.69 6.86 -10.56
CA HIS A 134 -17.09 6.80 -10.15
C HIS A 134 -17.44 5.32 -10.15
N GLU A 135 -18.57 4.96 -9.56
CA GLU A 135 -18.97 3.55 -9.50
C GLU A 135 -19.32 2.97 -10.87
N LYS A 136 -19.84 3.82 -11.76
CA LYS A 136 -20.20 3.34 -13.09
C LYS A 136 -19.31 3.89 -14.21
N GLY A 137 -18.41 4.81 -13.86
CA GLY A 137 -17.51 5.39 -14.85
C GLY A 137 -16.51 4.38 -15.39
N ARG A 138 -15.45 4.87 -16.03
CA ARG A 138 -14.43 4.00 -16.59
C ARG A 138 -13.10 4.12 -15.84
N GLN A 139 -12.20 3.17 -16.09
CA GLN A 139 -10.87 3.10 -15.49
C GLN A 139 -10.15 4.43 -15.70
N SER A 140 -9.64 5.05 -14.62
CA SER A 140 -8.96 6.33 -14.76
C SER A 140 -7.77 6.26 -15.70
N THR A 141 -7.46 7.37 -16.35
CA THR A 141 -6.35 7.40 -17.29
C THR A 141 -5.10 7.97 -16.59
N ARG A 142 -5.32 8.59 -15.45
CA ARG A 142 -4.24 9.18 -14.66
C ARG A 142 -4.21 8.54 -13.26
N LEU A 143 -3.00 8.37 -12.73
CA LEU A 143 -2.85 7.80 -11.40
C LEU A 143 -3.32 8.84 -10.38
N LYS A 144 -4.18 8.41 -9.44
CA LYS A 144 -4.70 9.33 -8.42
C LYS A 144 -4.41 8.89 -6.98
N MET A 145 -4.42 9.85 -6.07
CA MET A 145 -4.20 9.58 -4.66
C MET A 145 -5.37 10.16 -3.88
N LEU A 146 -5.55 9.71 -2.64
CA LEU A 146 -6.66 10.19 -1.82
C LEU A 146 -6.35 10.00 -0.33
N GLU A 147 -6.52 11.06 0.43
CA GLU A 147 -6.30 10.98 1.86
C GLU A 147 -7.58 10.40 2.45
N VAL A 148 -7.49 9.21 3.00
CA VAL A 148 -8.66 8.56 3.60
C VAL A 148 -8.48 8.39 5.09
N PRO A 149 -9.42 8.92 5.88
CA PRO A 149 -9.34 8.81 7.34
C PRO A 149 -9.43 7.36 7.81
N TYR A 150 -8.76 7.08 8.94
CA TYR A 150 -8.86 5.75 9.51
C TYR A 150 -10.25 5.75 10.13
N VAL A 151 -10.95 4.64 9.99
CA VAL A 151 -12.31 4.52 10.50
C VAL A 151 -12.38 3.64 11.72
N ASP A 152 -13.00 4.16 12.77
CA ASP A 152 -13.16 3.40 14.02
C ASP A 152 -13.55 1.98 13.67
N ARG A 153 -12.93 1.01 14.33
CA ARG A 153 -13.21 -0.39 14.05
C ARG A 153 -14.66 -0.83 14.28
N ASN A 154 -15.35 -0.23 15.25
CA ASN A 154 -16.74 -0.60 15.52
C ASN A 154 -17.65 -0.20 14.36
N SER A 155 -17.74 1.11 14.11
CA SER A 155 -18.56 1.65 13.03
C SER A 155 -18.38 0.79 11.77
N CYS A 156 -17.12 0.48 11.49
CA CYS A 156 -16.70 -0.34 10.36
C CYS A 156 -17.59 -1.57 10.21
N LYS A 157 -17.73 -2.33 11.30
CA LYS A 157 -18.54 -3.53 11.32
C LYS A 157 -20.02 -3.14 11.26
N LEU A 158 -20.41 -2.19 12.10
CA LEU A 158 -21.79 -1.72 12.16
C LEU A 158 -22.33 -1.28 10.81
N SER A 159 -21.43 -0.83 9.93
CA SER A 159 -21.82 -0.36 8.60
C SER A 159 -21.62 -1.41 7.52
N SER A 160 -20.94 -2.50 7.87
CA SER A 160 -20.65 -3.55 6.90
C SER A 160 -21.64 -4.70 6.79
N SER A 161 -22.07 -4.99 5.58
CA SER A 161 -23.01 -6.07 5.33
C SER A 161 -22.28 -7.40 5.47
N PHE A 162 -20.95 -7.33 5.54
CA PHE A 162 -20.15 -8.54 5.67
C PHE A 162 -19.21 -8.48 6.87
N ILE A 163 -18.80 -9.64 7.35
CA ILE A 163 -17.91 -9.71 8.50
C ILE A 163 -16.52 -9.14 8.27
N ILE A 164 -16.23 -8.02 8.93
CA ILE A 164 -14.92 -7.39 8.83
C ILE A 164 -14.02 -8.20 9.75
N THR A 165 -13.18 -9.03 9.15
CA THR A 165 -12.28 -9.87 9.92
C THR A 165 -11.05 -9.16 10.49
N GLN A 166 -10.33 -9.91 11.33
CA GLN A 166 -9.10 -9.48 11.99
C GLN A 166 -8.04 -9.00 10.99
N ASN A 167 -8.13 -9.52 9.76
CA ASN A 167 -7.18 -9.16 8.70
C ASN A 167 -7.65 -8.02 7.79
N MET A 168 -8.60 -7.22 8.26
CA MET A 168 -9.10 -6.11 7.45
C MET A 168 -9.23 -4.86 8.33
N PHE A 169 -9.48 -3.72 7.69
CA PHE A 169 -9.68 -2.47 8.42
C PHE A 169 -10.32 -1.44 7.51
N CYS A 170 -11.23 -0.65 8.07
CA CYS A 170 -11.93 0.38 7.29
C CYS A 170 -11.19 1.71 7.24
N ALA A 171 -11.33 2.39 6.11
CA ALA A 171 -10.69 3.68 5.90
C ALA A 171 -11.55 4.42 4.90
N GLY A 172 -11.71 5.73 5.08
CA GLY A 172 -12.52 6.50 4.17
C GLY A 172 -13.55 7.44 4.80
N TYR A 173 -14.65 7.67 4.09
CA TYR A 173 -15.70 8.57 4.55
C TYR A 173 -17.08 7.92 4.57
N ASP A 174 -17.96 8.49 5.39
CA ASP A 174 -19.33 8.01 5.52
C ASP A 174 -20.20 8.56 4.40
N THR A 175 -20.23 9.87 4.26
CA THR A 175 -21.05 10.51 3.24
C THR A 175 -20.24 11.11 2.09
N LYS A 176 -19.12 11.75 2.44
CA LYS A 176 -18.24 12.39 1.47
C LYS A 176 -17.98 11.46 0.28
N GLN A 177 -18.16 11.99 -0.93
CA GLN A 177 -17.97 11.21 -2.14
C GLN A 177 -16.51 11.00 -2.53
N GLU A 178 -15.80 10.25 -1.70
CA GLU A 178 -14.40 9.93 -1.92
C GLU A 178 -14.15 8.55 -1.36
N ASP A 179 -13.48 7.71 -2.14
CA ASP A 179 -13.19 6.33 -1.76
C ASP A 179 -12.53 5.69 -2.97
N ALA A 180 -11.99 4.49 -2.80
CA ALA A 180 -11.36 3.78 -3.91
C ALA A 180 -12.51 3.21 -4.72
N CYS A 181 -12.20 2.49 -5.79
CA CYS A 181 -13.24 1.92 -6.63
C CYS A 181 -12.66 0.79 -7.48
N GLN A 182 -13.47 0.24 -8.39
CA GLN A 182 -13.03 -0.85 -9.26
C GLN A 182 -11.67 -0.60 -9.92
N GLY A 183 -10.83 -1.63 -10.00
CA GLY A 183 -9.53 -1.45 -10.61
C GLY A 183 -8.44 -0.99 -9.66
N ASP A 184 -8.82 -0.40 -8.53
CA ASP A 184 -7.87 0.07 -7.53
C ASP A 184 -7.40 -1.06 -6.61
N SER A 185 -8.05 -2.22 -6.69
CA SER A 185 -7.70 -3.36 -5.85
C SER A 185 -6.23 -3.76 -5.97
N GLY A 186 -5.65 -4.24 -4.86
CA GLY A 186 -4.26 -4.64 -4.86
C GLY A 186 -3.34 -3.44 -4.70
N GLY A 187 -3.90 -2.25 -4.97
CA GLY A 187 -3.15 -1.02 -4.86
C GLY A 187 -2.63 -0.70 -3.47
N PRO A 188 -1.79 0.33 -3.36
CA PRO A 188 -1.27 0.67 -2.03
C PRO A 188 -2.09 1.60 -1.14
N HIS A 189 -1.97 1.35 0.16
CA HIS A 189 -2.57 2.19 1.20
C HIS A 189 -1.32 2.44 2.02
N VAL A 190 -0.90 3.68 2.08
CA VAL A 190 0.31 4.02 2.83
C VAL A 190 0.04 5.08 3.89
N THR A 191 0.82 5.03 4.97
CA THR A 191 0.67 6.03 6.02
C THR A 191 1.98 6.83 6.07
N ARG A 192 1.82 8.14 6.19
CA ARG A 192 2.93 9.06 6.23
C ARG A 192 3.42 9.31 7.65
N PHE A 193 4.73 9.34 7.84
CA PHE A 193 5.31 9.61 9.14
C PHE A 193 6.65 10.31 8.97
N LYS A 194 6.69 11.57 9.37
CA LYS A 194 7.91 12.35 9.25
C LYS A 194 8.44 12.29 7.83
N ASP A 195 7.54 12.50 6.87
CA ASP A 195 7.91 12.50 5.45
C ASP A 195 8.53 11.20 4.92
N THR A 196 8.13 10.08 5.51
CA THR A 196 8.57 8.76 5.10
C THR A 196 7.27 7.94 5.04
N TYR A 197 7.07 7.21 3.96
CA TYR A 197 5.84 6.43 3.82
C TYR A 197 6.00 4.94 4.09
N PHE A 198 5.00 4.36 4.77
CA PHE A 198 5.02 2.95 5.11
C PHE A 198 3.77 2.26 4.59
N VAL A 199 3.92 1.05 4.05
CA VAL A 199 2.75 0.31 3.58
C VAL A 199 1.93 -0.01 4.82
N THR A 200 0.61 0.14 4.74
CA THR A 200 -0.22 -0.18 5.90
C THR A 200 -1.41 -1.01 5.48
N GLY A 201 -1.73 -0.99 4.19
CA GLY A 201 -2.85 -1.76 3.71
C GLY A 201 -2.91 -1.95 2.21
N ILE A 202 -3.61 -2.99 1.80
CA ILE A 202 -3.81 -3.33 0.39
C ILE A 202 -5.28 -3.06 0.03
N VAL A 203 -5.52 -2.44 -1.12
CA VAL A 203 -6.91 -2.17 -1.54
C VAL A 203 -7.60 -3.52 -1.81
N SER A 204 -8.59 -3.86 -0.98
CA SER A 204 -9.30 -5.14 -1.08
C SER A 204 -10.72 -5.11 -1.64
N TRP A 205 -11.66 -4.58 -0.88
CA TRP A 205 -13.03 -4.53 -1.33
C TRP A 205 -13.84 -3.42 -0.71
N GLY A 206 -15.13 -3.40 -1.07
CA GLY A 206 -16.07 -2.42 -0.56
C GLY A 206 -17.39 -2.74 -1.22
N GLU A 207 -18.49 -2.21 -0.67
CA GLU A 207 -19.82 -2.42 -1.26
C GLU A 207 -20.14 -1.20 -2.12
N GLY A 208 -19.84 -1.32 -3.41
CA GLY A 208 -20.06 -0.22 -4.32
C GLY A 208 -18.86 0.71 -4.18
N CYS A 209 -19.02 1.96 -4.60
CA CYS A 209 -17.93 2.93 -4.48
C CYS A 209 -18.41 4.22 -3.84
N ALA A 210 -17.73 4.60 -2.77
CA ALA A 210 -18.03 5.83 -2.03
C ALA A 210 -19.48 5.95 -1.58
N ARG A 211 -20.13 4.82 -1.31
CA ARG A 211 -21.53 4.83 -0.87
C ARG A 211 -21.71 5.35 0.55
N LYS A 212 -22.75 6.14 0.78
CA LYS A 212 -23.04 6.67 2.11
C LYS A 212 -23.23 5.52 3.09
N GLY A 213 -22.60 5.62 4.25
CA GLY A 213 -22.72 4.57 5.25
C GLY A 213 -21.82 3.37 4.98
N LYS A 214 -21.04 3.43 3.91
CA LYS A 214 -20.13 2.36 3.55
C LYS A 214 -18.69 2.84 3.50
N TYR A 215 -17.76 2.01 3.95
CA TYR A 215 -16.34 2.35 3.95
C TYR A 215 -15.49 1.48 3.03
N GLY A 216 -14.27 1.91 2.76
CA GLY A 216 -13.35 1.13 1.94
C GLY A 216 -12.73 0.06 2.81
N ILE A 217 -12.64 -1.18 2.33
CA ILE A 217 -12.09 -2.25 3.14
C ILE A 217 -10.71 -2.68 2.65
N TYR A 218 -9.70 -2.43 3.48
CA TYR A 218 -8.33 -2.76 3.13
C TYR A 218 -7.78 -3.96 3.88
N THR A 219 -6.81 -4.64 3.26
CA THR A 219 -6.17 -5.77 3.89
C THR A 219 -5.20 -5.17 4.91
N LYS A 220 -5.20 -5.72 6.11
CA LYS A 220 -4.34 -5.24 7.17
C LYS A 220 -2.93 -5.79 6.93
N VAL A 221 -2.07 -4.97 6.33
CA VAL A 221 -0.71 -5.40 6.04
C VAL A 221 0.09 -5.81 7.29
N THR A 222 -0.07 -5.07 8.38
CA THR A 222 0.63 -5.38 9.62
C THR A 222 0.35 -6.80 10.13
N ALA A 223 -0.76 -7.38 9.67
CA ALA A 223 -1.14 -8.72 10.10
C ALA A 223 -0.54 -9.86 9.27
N PHE A 224 0.33 -9.52 8.33
CA PHE A 224 0.95 -10.53 7.47
C PHE A 224 2.44 -10.25 7.27
N LEU A 225 2.98 -9.31 8.05
CA LEU A 225 4.37 -8.95 7.96
C LEU A 225 5.26 -10.19 7.85
N LYS A 226 5.35 -10.96 8.93
CA LYS A 226 6.19 -12.16 8.92
C LYS A 226 5.92 -13.02 7.68
N TRP A 227 4.69 -12.98 7.20
CA TRP A 227 4.30 -13.75 6.02
C TRP A 227 4.97 -13.13 4.80
N ILE A 228 4.90 -11.81 4.74
CA ILE A 228 5.50 -11.07 3.65
C ILE A 228 7.00 -11.35 3.60
N ASP A 229 7.64 -11.41 4.76
CA ASP A 229 9.07 -11.69 4.80
C ASP A 229 9.39 -13.10 4.32
N ARG A 230 8.54 -14.05 4.71
CA ARG A 230 8.73 -15.42 4.30
C ARG A 230 8.61 -15.51 2.78
N SER A 231 7.80 -14.64 2.21
CA SER A 231 7.62 -14.63 0.77
C SER A 231 8.81 -14.00 0.04
N MET A 232 9.44 -13.02 0.69
CA MET A 232 10.60 -12.35 0.10
C MET A 232 11.71 -13.37 -0.11
N LYS A 233 11.78 -14.35 0.79
CA LYS A 233 12.78 -15.41 0.70
C LYS A 233 12.19 -16.49 -0.19
N THR A 234 11.07 -16.16 -0.84
CA THR A 234 10.36 -17.07 -1.72
C THR A 234 9.92 -18.33 -0.97
N ARG A 235 8.64 -18.39 -0.61
CA ARG A 235 8.08 -19.53 0.11
C ARG A 235 6.56 -19.38 0.24
N LYS B 44 12.71 6.25 28.27
CA LYS B 44 11.50 5.46 27.93
C LYS B 44 10.35 6.36 27.48
N LEU B 45 9.27 5.72 27.05
CA LEU B 45 8.06 6.39 26.58
C LEU B 45 8.10 6.70 25.09
N CYS B 46 7.98 5.63 24.30
CA CYS B 46 7.93 5.71 22.85
C CYS B 46 6.56 6.28 22.51
N SER B 47 5.79 6.57 23.57
CA SER B 47 4.45 7.10 23.45
C SER B 47 4.46 8.62 23.49
N LEU B 48 5.50 9.16 24.11
CA LEU B 48 5.69 10.60 24.27
C LEU B 48 5.62 11.35 22.93
N ASP B 49 6.58 11.08 22.05
CA ASP B 49 6.62 11.68 20.72
C ASP B 49 7.38 10.67 19.90
N ASN B 50 6.91 9.43 19.96
CA ASN B 50 7.54 8.34 19.27
C ASN B 50 8.98 8.19 19.77
N GLY B 51 9.18 8.57 21.02
CA GLY B 51 10.50 8.47 21.64
C GLY B 51 11.52 9.38 20.99
N ASP B 52 11.02 10.27 20.13
CA ASP B 52 11.87 11.21 19.40
C ASP B 52 12.65 10.53 18.26
N CYS B 53 12.20 9.35 17.87
CA CYS B 53 12.85 8.61 16.78
C CYS B 53 12.35 9.09 15.41
N ASP B 54 13.03 8.68 14.36
CA ASP B 54 12.59 9.04 13.00
C ASP B 54 11.58 7.98 12.54
N GLN B 55 11.82 6.73 12.92
CA GLN B 55 10.95 5.63 12.54
C GLN B 55 10.58 4.71 13.71
N PHE B 56 10.91 3.43 13.60
CA PHE B 56 10.58 2.48 14.64
C PHE B 56 11.11 2.83 16.02
N CYS B 57 10.23 2.81 17.01
CA CYS B 57 10.59 3.09 18.39
C CYS B 57 10.27 1.86 19.25
N HIS B 58 11.19 1.52 20.14
CA HIS B 58 11.01 0.39 21.04
C HIS B 58 11.37 0.86 22.44
N GLU B 59 10.93 0.13 23.44
CA GLU B 59 11.23 0.49 24.81
C GLU B 59 11.99 -0.64 25.47
N GLU B 60 12.91 -0.28 26.36
CA GLU B 60 13.69 -1.26 27.08
C GLU B 60 13.49 -1.02 28.57
N GLN B 61 12.32 -1.44 29.06
CA GLN B 61 11.92 -1.29 30.46
C GLN B 61 12.15 0.08 31.08
N ASN B 62 13.06 0.87 30.50
CA ASN B 62 13.36 2.18 31.05
C ASN B 62 13.72 3.20 30.01
N SER B 63 14.20 2.75 28.85
CA SER B 63 14.60 3.68 27.79
C SER B 63 14.10 3.28 26.40
N VAL B 64 14.20 4.21 25.47
CA VAL B 64 13.76 3.96 24.11
C VAL B 64 14.91 3.50 23.24
N VAL B 65 14.58 2.67 22.24
CA VAL B 65 15.56 2.17 21.30
C VAL B 65 15.03 2.34 19.89
N CYS B 66 15.58 3.33 19.20
CA CYS B 66 15.19 3.65 17.84
C CYS B 66 15.85 2.71 16.84
N SER B 67 15.16 2.46 15.73
CA SER B 67 15.67 1.61 14.66
C SER B 67 15.01 2.03 13.35
N CYS B 68 15.63 1.69 12.22
CA CYS B 68 15.10 2.09 10.93
C CYS B 68 14.69 0.97 10.00
N ALA B 69 13.98 1.33 8.93
CA ALA B 69 13.53 0.35 7.95
C ALA B 69 14.72 -0.12 7.11
N ARG B 70 14.52 -1.19 6.35
CA ARG B 70 15.58 -1.72 5.49
C ARG B 70 16.01 -0.66 4.50
N GLY B 71 17.31 -0.43 4.41
CA GLY B 71 17.81 0.56 3.49
C GLY B 71 18.27 1.82 4.21
N TYR B 72 17.98 1.87 5.51
CA TYR B 72 18.37 3.00 6.34
C TYR B 72 19.31 2.50 7.43
N THR B 73 20.16 3.38 7.95
CA THR B 73 21.06 3.02 9.03
C THR B 73 20.86 4.05 10.14
N LEU B 74 20.78 3.56 11.37
CA LEU B 74 20.56 4.45 12.51
C LEU B 74 21.69 5.46 12.68
N ALA B 75 21.34 6.74 12.67
CA ALA B 75 22.31 7.82 12.81
C ALA B 75 23.09 7.71 14.13
N ASP B 76 24.10 8.57 14.26
CA ASP B 76 24.96 8.57 15.43
C ASP B 76 24.28 9.04 16.70
N ASN B 77 23.11 9.66 16.59
CA ASN B 77 22.40 10.10 17.78
C ASN B 77 21.42 9.01 18.23
N GLY B 78 21.51 7.87 17.55
CA GLY B 78 20.65 6.74 17.87
C GLY B 78 19.18 7.05 17.73
N LYS B 79 18.87 8.09 16.96
CA LYS B 79 17.48 8.48 16.75
C LYS B 79 17.13 8.64 15.28
N ALA B 80 17.86 9.50 14.57
CA ALA B 80 17.57 9.74 13.16
C ALA B 80 17.97 8.55 12.28
N CYS B 81 17.35 8.45 11.11
CA CYS B 81 17.64 7.40 10.16
C CYS B 81 18.28 8.04 8.94
N ILE B 82 19.24 7.36 8.34
CA ILE B 82 19.90 7.93 7.18
C ILE B 82 19.87 6.94 6.03
N PRO B 83 19.57 7.43 4.82
CA PRO B 83 19.50 6.56 3.63
C PRO B 83 20.88 6.01 3.28
N THR B 84 20.93 4.97 2.45
CA THR B 84 22.20 4.41 2.04
C THR B 84 22.30 4.43 0.52
N GLY B 85 21.15 4.58 -0.13
CA GLY B 85 21.10 4.62 -1.58
C GLY B 85 20.33 5.87 -1.98
N PRO B 86 20.26 6.20 -3.28
CA PRO B 86 19.53 7.39 -3.73
C PRO B 86 18.01 7.18 -3.76
N TYR B 87 17.58 5.97 -3.42
CA TYR B 87 16.16 5.63 -3.43
C TYR B 87 15.75 4.83 -2.20
N PRO B 88 15.78 5.46 -1.02
CA PRO B 88 15.40 4.82 0.23
C PRO B 88 13.89 4.63 0.23
N CYS B 89 13.44 3.51 0.78
CA CYS B 89 12.01 3.23 0.82
C CYS B 89 11.24 4.37 1.50
N GLY B 90 9.97 4.53 1.10
CA GLY B 90 9.12 5.54 1.68
C GLY B 90 9.34 7.00 1.37
N LYS B 91 10.32 7.31 0.52
CA LYS B 91 10.57 8.71 0.19
C LYS B 91 9.98 9.05 -1.17
N GLN B 92 9.31 10.20 -1.26
CA GLN B 92 8.76 10.63 -2.53
C GLN B 92 9.93 11.17 -3.32
N THR B 93 10.08 10.70 -4.56
CA THR B 93 11.16 11.14 -5.42
C THR B 93 10.84 12.52 -6.01
N LEU B 94 10.68 13.52 -5.15
CA LEU B 94 10.38 14.88 -5.61
C LEU B 94 11.59 15.60 -6.19
#